data_7HHG
#
_entry.id   7HHG
#
_cell.length_a   41.600
_cell.length_b   42.160
_cell.length_c   158.650
_cell.angle_alpha   90.00
_cell.angle_beta   90.00
_cell.angle_gamma   90.00
#
_symmetry.space_group_name_H-M   'P 21 21 21'
#
loop_
_entity.id
_entity.type
_entity.pdbx_description
1 polymer 'Hepatoma-derived growth factor-related protein 2'
2 non-polymer 'SULFATE ION'
3 non-polymer 1,2-ETHANEDIOL
4 non-polymer N-[(piperidin-4-yl)methyl]methanesulfonamide
5 water water
#
_entity_poly.entity_id   1
_entity_poly.type   'polypeptide(L)'
_entity_poly.pdbx_seq_one_letter_code
;GMPHAFKPGDLVFAKMKGYPHWPARIDDIADGAVKPPPNKYPIFFFGTHETAFLGPKDLFPYDKSKDKYGKPNKRKGFNE
GLWEIQNNPHASYS
;
_entity_poly.pdbx_strand_id   A,B,C
#
loop_
_chem_comp.id
_chem_comp.type
_chem_comp.name
_chem_comp.formula
EDO non-polymer 1,2-ETHANEDIOL 'C2 H6 O2'
SO4 non-polymer 'SULFATE ION' 'O4 S -2'
W1A non-polymer N-[(piperidin-4-yl)methyl]methanesulfonamide 'C7 H16 N2 O2 S'
#
# COMPACT_ATOMS: atom_id res chain seq x y z
N MET A 2 13.02 -23.62 -8.49
CA MET A 2 13.79 -23.25 -7.28
C MET A 2 13.55 -21.77 -6.92
N PRO A 3 13.66 -21.41 -5.62
CA PRO A 3 13.53 -20.03 -5.14
C PRO A 3 14.53 -19.03 -5.72
N HIS A 4 14.04 -17.79 -5.91
CA HIS A 4 14.90 -16.70 -6.27
C HIS A 4 15.09 -15.87 -5.00
N ALA A 5 15.91 -14.83 -5.08
CA ALA A 5 15.90 -13.87 -3.99
C ALA A 5 14.55 -13.13 -3.96
N PHE A 6 14.27 -12.56 -2.79
CA PHE A 6 13.11 -11.71 -2.58
C PHE A 6 13.16 -10.52 -3.55
N LYS A 7 11.99 -10.19 -4.11
CA LYS A 7 11.85 -9.02 -4.99
C LYS A 7 10.60 -8.23 -4.58
N PRO A 8 10.49 -6.94 -4.95
CA PRO A 8 9.27 -6.17 -4.68
C PRO A 8 8.04 -6.90 -5.25
N GLY A 9 6.97 -6.89 -4.46
CA GLY A 9 5.73 -7.53 -4.86
C GLY A 9 5.58 -8.91 -4.23
N ASP A 10 6.69 -9.55 -3.81
CA ASP A 10 6.51 -10.82 -3.13
C ASP A 10 5.70 -10.72 -1.83
N LEU A 11 4.87 -11.75 -1.59
CA LEU A 11 3.94 -11.77 -0.45
C LEU A 11 4.57 -12.71 0.60
N VAL A 12 4.50 -12.29 1.86
CA VAL A 12 5.14 -13.03 2.95
C VAL A 12 4.28 -12.95 4.20
N PHE A 13 4.64 -13.78 5.21
CA PHE A 13 4.43 -13.42 6.59
C PHE A 13 5.78 -12.95 7.11
N ALA A 14 5.75 -11.79 7.80
CA ALA A 14 7.00 -11.18 8.27
C ALA A 14 7.02 -11.24 9.80
N LYS A 15 8.15 -11.67 10.40
CA LYS A 15 8.20 -11.81 11.86
C LYS A 15 8.99 -10.68 12.50
N MET A 16 8.35 -10.03 13.50
CA MET A 16 8.90 -8.98 14.34
C MET A 16 8.84 -9.51 15.77
N LYS A 17 9.85 -9.18 16.57
CA LYS A 17 9.89 -9.60 17.97
C LYS A 17 8.61 -9.15 18.65
N GLY A 18 7.98 -10.07 19.41
CA GLY A 18 6.79 -9.68 20.15
C GLY A 18 5.52 -9.61 19.31
N TYR A 19 5.61 -9.94 18.02
CA TYR A 19 4.40 -9.94 17.24
C TYR A 19 4.26 -11.28 16.54
N PRO A 20 3.03 -11.70 16.21
CA PRO A 20 2.81 -12.93 15.46
C PRO A 20 3.32 -12.67 14.02
N HIS A 21 3.63 -13.74 13.33
CA HIS A 21 4.00 -13.71 11.91
C HIS A 21 2.87 -12.99 11.17
N TRP A 22 3.24 -11.93 10.41
CA TRP A 22 2.25 -10.91 10.05
C TRP A 22 2.13 -10.86 8.54
N PRO A 23 0.92 -10.82 7.95
CA PRO A 23 0.82 -10.70 6.48
C PRO A 23 1.48 -9.41 5.97
N ALA A 24 2.28 -9.55 4.92
CA ALA A 24 3.08 -8.40 4.49
C ALA A 24 3.55 -8.59 3.05
N ARG A 25 4.13 -7.51 2.46
CA ARG A 25 4.74 -7.65 1.15
C ARG A 25 6.13 -7.00 1.17
N ILE A 26 6.96 -7.44 0.21
CA ILE A 26 8.16 -6.65 -0.09
C ILE A 26 7.73 -5.44 -0.89
N ASP A 27 8.06 -4.25 -0.39
CA ASP A 27 7.67 -3.05 -1.11
C ASP A 27 8.76 -2.60 -2.08
N ASP A 28 8.34 -1.75 -3.04
CA ASP A 28 9.32 -1.05 -3.83
C ASP A 28 9.80 0.15 -3.01
N ILE A 29 10.88 0.76 -3.44
CA ILE A 29 11.30 2.03 -2.86
C ILE A 29 11.03 3.07 -3.95
N ALA A 30 10.17 4.06 -3.65
CA ALA A 30 9.87 5.12 -4.62
C ALA A 30 11.12 5.97 -4.90
N ASP A 31 11.16 6.55 -6.09
CA ASP A 31 12.16 7.59 -6.33
C ASP A 31 12.14 8.58 -5.18
N GLY A 32 13.33 8.98 -4.74
CA GLY A 32 13.55 10.01 -3.73
C GLY A 32 13.22 9.58 -2.31
N ALA A 33 12.76 8.33 -2.14
CA ALA A 33 12.35 7.86 -0.83
C ALA A 33 13.54 7.25 -0.09
N VAL A 34 13.39 7.16 1.24
CA VAL A 34 14.47 6.58 2.06
C VAL A 34 14.67 5.09 1.78
N LYS A 35 15.91 4.70 1.50
CA LYS A 35 16.31 3.33 1.22
C LYS A 35 16.58 2.54 2.50
N PRO A 36 16.40 1.21 2.45
CA PRO A 36 16.66 0.38 3.62
C PRO A 36 18.16 0.27 3.85
N PRO A 37 18.60 -0.18 5.03
CA PRO A 37 19.99 -0.60 5.22
C PRO A 37 20.41 -1.74 4.29
N PRO A 38 21.73 -1.97 4.06
CA PRO A 38 22.18 -3.15 3.31
C PRO A 38 21.63 -4.44 3.91
N ASN A 39 21.33 -5.37 3.01
CA ASN A 39 20.84 -6.71 3.33
C ASN A 39 19.43 -6.66 3.91
N LYS A 40 18.76 -5.48 3.89
CA LYS A 40 17.42 -5.41 4.44
C LYS A 40 16.46 -5.02 3.31
N TYR A 41 15.22 -5.48 3.45
CA TYR A 41 14.14 -5.16 2.52
C TYR A 41 13.11 -4.29 3.21
N PRO A 42 12.38 -3.41 2.44
CA PRO A 42 11.28 -2.64 3.02
C PRO A 42 10.04 -3.53 3.04
N ILE A 43 9.52 -3.74 4.24
CA ILE A 43 8.38 -4.66 4.38
C ILE A 43 7.18 -3.78 4.70
N PHE A 44 6.12 -3.93 3.88
CA PHE A 44 4.90 -3.25 4.22
C PHE A 44 3.97 -4.27 4.85
N PHE A 45 3.49 -3.92 6.05
CA PHE A 45 2.63 -4.80 6.81
C PHE A 45 1.18 -4.49 6.47
N PHE A 46 0.47 -5.52 6.01
CA PHE A 46 -0.94 -5.27 5.69
C PHE A 46 -1.71 -5.00 6.99
N GLY A 47 -2.83 -4.29 6.86
CA GLY A 47 -3.69 -4.03 8.00
C GLY A 47 -3.19 -2.82 8.79
N THR A 48 -1.97 -2.89 9.38
CA THR A 48 -1.43 -1.72 10.05
C THR A 48 -0.94 -0.68 9.05
N HIS A 49 -0.52 -1.14 7.85
CA HIS A 49 0.06 -0.30 6.81
C HIS A 49 1.34 0.37 7.30
N GLU A 50 2.06 -0.30 8.21
CA GLU A 50 3.36 0.17 8.66
C GLU A 50 4.50 -0.48 7.85
N THR A 51 5.67 0.18 7.85
CA THR A 51 6.84 -0.30 7.15
C THR A 51 7.94 -0.56 8.18
N ALA A 52 8.61 -1.71 8.08
CA ALA A 52 9.86 -1.92 8.81
C ALA A 52 10.87 -2.53 7.84
N PHE A 53 12.14 -2.60 8.28
CA PHE A 53 13.18 -3.15 7.44
C PHE A 53 13.61 -4.48 8.03
N LEU A 54 13.51 -5.53 7.23
CA LEU A 54 13.80 -6.88 7.73
C LEU A 54 14.66 -7.62 6.75
N GLY A 55 15.43 -8.57 7.31
CA GLY A 55 16.14 -9.46 6.41
C GLY A 55 15.41 -10.80 6.21
N PRO A 56 15.90 -11.62 5.27
CA PRO A 56 15.25 -12.88 4.92
C PRO A 56 14.95 -13.84 6.05
N LYS A 57 15.79 -13.79 7.12
CA LYS A 57 15.50 -14.69 8.26
C LYS A 57 14.12 -14.51 8.89
N ASP A 58 13.48 -13.34 8.67
CA ASP A 58 12.20 -13.03 9.27
C ASP A 58 11.10 -13.01 8.18
N LEU A 59 11.44 -13.53 6.99
CA LEU A 59 10.47 -13.45 5.86
C LEU A 59 10.08 -14.87 5.42
N PHE A 60 8.78 -15.18 5.53
CA PHE A 60 8.25 -16.51 5.20
C PHE A 60 7.33 -16.42 3.98
N PRO A 61 7.65 -17.07 2.86
CA PRO A 61 6.82 -16.88 1.65
C PRO A 61 5.38 -17.25 1.98
N TYR A 62 4.41 -16.43 1.47
CA TYR A 62 3.03 -16.54 1.90
C TYR A 62 2.37 -17.87 1.49
N ASP A 63 2.61 -18.30 0.25
CA ASP A 63 1.96 -19.53 -0.22
C ASP A 63 2.31 -20.73 0.66
N LYS A 64 3.61 -20.91 0.93
CA LYS A 64 4.07 -22.01 1.79
C LYS A 64 3.52 -21.91 3.21
N SER A 65 3.35 -20.69 3.77
CA SER A 65 3.17 -20.45 5.19
C SER A 65 1.72 -20.17 5.60
N LYS A 66 0.82 -19.97 4.63
CA LYS A 66 -0.49 -19.46 5.01
C LYS A 66 -1.32 -20.43 5.83
N ASP A 67 -1.14 -21.74 5.59
N ASP A 67 -1.14 -21.74 5.58
CA ASP A 67 -1.86 -22.73 6.36
CA ASP A 67 -1.85 -22.73 6.38
C ASP A 67 -1.54 -22.59 7.85
C ASP A 67 -1.57 -22.48 7.86
N LYS A 68 -0.30 -22.23 8.18
CA LYS A 68 0.14 -22.09 9.55
C LYS A 68 -0.16 -20.72 10.13
N TYR A 69 0.09 -19.65 9.34
CA TYR A 69 0.09 -18.32 9.92
C TYR A 69 -1.17 -17.50 9.57
N GLY A 70 -1.95 -18.01 8.61
CA GLY A 70 -3.05 -17.22 8.05
C GLY A 70 -4.38 -17.50 8.77
N LYS A 71 -4.41 -17.23 10.05
CA LYS A 71 -5.57 -17.45 10.90
C LYS A 71 -5.80 -16.17 11.70
N PRO A 72 -7.07 -15.85 12.07
CA PRO A 72 -7.32 -14.58 12.78
C PRO A 72 -6.54 -14.45 14.07
N ASN A 73 -6.26 -13.20 14.44
CA ASN A 73 -5.48 -12.87 15.61
C ASN A 73 -6.13 -11.65 16.21
N LYS A 74 -6.04 -11.54 17.54
CA LYS A 74 -6.63 -10.45 18.28
C LYS A 74 -5.93 -9.12 18.00
N ARG A 75 -4.68 -9.17 17.50
CA ARG A 75 -3.87 -7.96 17.46
C ARG A 75 -4.44 -6.94 16.47
N LYS A 76 -4.25 -5.65 16.79
CA LYS A 76 -4.78 -4.53 16.03
C LYS A 76 -4.32 -4.63 14.58
N GLY A 77 -5.27 -4.71 13.65
CA GLY A 77 -4.93 -4.59 12.24
C GLY A 77 -4.70 -5.94 11.57
N PHE A 78 -4.57 -7.00 12.35
CA PHE A 78 -4.20 -8.28 11.78
C PHE A 78 -5.24 -8.85 10.82
N ASN A 79 -6.52 -8.89 11.23
CA ASN A 79 -7.54 -9.50 10.38
C ASN A 79 -7.79 -8.65 9.11
N GLU A 80 -7.71 -7.32 9.22
CA GLU A 80 -7.76 -6.46 8.03
C GLU A 80 -6.59 -6.88 7.12
N GLY A 81 -5.44 -7.14 7.77
CA GLY A 81 -4.27 -7.53 6.99
C GLY A 81 -4.45 -8.87 6.25
N LEU A 82 -5.11 -9.84 6.89
CA LEU A 82 -5.42 -11.08 6.22
C LEU A 82 -6.31 -10.84 4.98
N TRP A 83 -7.25 -9.87 5.09
CA TRP A 83 -8.13 -9.61 3.96
C TRP A 83 -7.29 -9.06 2.82
N GLU A 84 -6.43 -8.09 3.15
CA GLU A 84 -5.64 -7.40 2.18
C GLU A 84 -4.76 -8.37 1.38
N ILE A 85 -4.04 -9.24 2.11
CA ILE A 85 -3.05 -10.04 1.41
C ILE A 85 -3.74 -11.07 0.50
N GLN A 86 -4.95 -11.50 0.90
CA GLN A 86 -5.73 -12.46 0.08
C GLN A 86 -6.45 -11.78 -1.09
N ASN A 87 -6.96 -10.56 -0.88
CA ASN A 87 -7.94 -9.95 -1.82
C ASN A 87 -7.39 -8.82 -2.68
N ASN A 88 -6.40 -8.05 -2.20
CA ASN A 88 -5.82 -7.00 -3.00
C ASN A 88 -4.41 -6.69 -2.48
N PRO A 89 -3.49 -7.66 -2.62
CA PRO A 89 -2.17 -7.52 -2.02
C PRO A 89 -1.28 -6.52 -2.74
N HIS A 90 -1.66 -6.09 -3.98
CA HIS A 90 -0.77 -5.20 -4.72
C HIS A 90 -1.37 -3.78 -4.90
N ALA A 91 -2.35 -3.46 -4.09
CA ALA A 91 -3.01 -2.15 -4.18
C ALA A 91 -2.15 -1.10 -3.46
N SER A 92 -2.51 0.16 -3.72
CA SER A 92 -2.02 1.30 -2.97
C SER A 92 -2.82 1.42 -1.67
N TYR A 93 -2.11 1.39 -0.53
CA TYR A 93 -2.72 1.56 0.77
C TYR A 93 -2.28 2.85 1.46
N SER A 94 -1.56 3.71 0.73
CA SER A 94 -1.23 5.06 1.14
C SER A 94 -2.50 5.88 1.36
N MET B 2 12.31 34.56 -25.37
CA MET B 2 12.95 35.64 -24.56
C MET B 2 13.86 34.95 -23.54
N PRO B 3 15.15 35.39 -23.38
CA PRO B 3 16.00 34.88 -22.30
C PRO B 3 15.35 35.14 -20.94
N HIS B 4 15.57 34.21 -20.00
CA HIS B 4 15.02 34.33 -18.66
C HIS B 4 16.16 34.29 -17.63
N ALA B 5 15.82 34.49 -16.35
CA ALA B 5 16.86 34.46 -15.34
C ALA B 5 17.58 33.13 -15.44
N PHE B 6 16.80 32.07 -15.61
CA PHE B 6 17.33 30.72 -15.79
C PHE B 6 17.18 30.31 -17.24
N LYS B 7 18.25 29.73 -17.80
CA LYS B 7 18.17 29.30 -19.18
C LYS B 7 18.30 27.78 -19.26
N PRO B 8 17.83 27.15 -20.36
CA PRO B 8 18.01 25.72 -20.58
C PRO B 8 19.47 25.32 -20.45
N GLY B 9 19.72 24.24 -19.69
CA GLY B 9 21.04 23.72 -19.43
C GLY B 9 21.66 24.23 -18.14
N ASP B 10 21.04 25.26 -17.53
CA ASP B 10 21.53 25.73 -16.24
C ASP B 10 21.36 24.63 -15.18
N LEU B 11 22.37 24.48 -14.36
CA LEU B 11 22.40 23.41 -13.35
C LEU B 11 21.92 24.01 -12.03
N VAL B 12 21.13 23.23 -11.25
CA VAL B 12 20.59 23.78 -10.00
C VAL B 12 20.49 22.63 -8.99
N PHE B 13 20.20 22.98 -7.73
CA PHE B 13 19.46 22.08 -6.89
C PHE B 13 18.02 22.57 -6.86
N ALA B 14 17.09 21.61 -6.96
CA ALA B 14 15.69 21.95 -7.00
C ALA B 14 14.97 21.37 -5.77
N LYS B 15 14.10 22.17 -5.17
CA LYS B 15 13.46 21.75 -3.91
C LYS B 15 12.00 21.38 -4.13
N MET B 16 11.66 20.15 -3.71
CA MET B 16 10.32 19.58 -3.68
C MET B 16 9.94 19.31 -2.22
N LYS B 17 8.68 19.62 -1.88
CA LYS B 17 8.18 19.30 -0.55
C LYS B 17 8.39 17.79 -0.31
N GLY B 18 9.02 17.46 0.82
CA GLY B 18 9.26 16.08 1.22
C GLY B 18 10.61 15.52 0.78
N TYR B 19 11.42 16.32 0.05
CA TYR B 19 12.70 15.81 -0.43
C TYR B 19 13.80 16.83 -0.16
N PRO B 20 15.08 16.40 -0.08
CA PRO B 20 16.20 17.31 0.06
C PRO B 20 16.38 18.04 -1.27
N HIS B 21 16.97 19.25 -1.20
CA HIS B 21 17.41 19.96 -2.41
C HIS B 21 18.11 18.98 -3.36
N TRP B 22 17.69 18.97 -4.62
CA TRP B 22 18.00 17.80 -5.45
C TRP B 22 18.78 18.23 -6.70
N PRO B 23 19.89 17.56 -7.09
CA PRO B 23 20.63 17.97 -8.30
C PRO B 23 19.71 17.90 -9.50
N ALA B 24 19.70 18.96 -10.33
CA ALA B 24 18.71 19.04 -11.38
C ALA B 24 19.25 20.00 -12.44
N ARG B 25 18.51 20.05 -13.56
CA ARG B 25 18.79 21.00 -14.63
C ARG B 25 17.49 21.63 -15.10
N ILE B 26 17.61 22.86 -15.65
CA ILE B 26 16.53 23.44 -16.42
C ILE B 26 16.54 22.80 -17.81
N ASP B 27 15.37 22.34 -18.21
CA ASP B 27 15.18 21.74 -19.54
C ASP B 27 14.61 22.79 -20.51
N ASP B 28 14.65 22.44 -21.80
N ASP B 28 14.67 22.50 -21.82
CA ASP B 28 14.00 23.17 -22.89
CA ASP B 28 14.01 23.33 -22.82
C ASP B 28 12.50 22.89 -22.89
C ASP B 28 12.58 22.83 -23.00
N ILE B 29 11.77 23.59 -23.76
CA ILE B 29 10.38 23.26 -24.03
C ILE B 29 10.29 22.66 -25.44
N VAL B 34 3.12 20.62 -23.48
CA VAL B 34 2.62 21.16 -22.17
C VAL B 34 3.65 22.16 -21.67
N LYS B 35 3.36 23.45 -21.89
CA LYS B 35 4.25 24.52 -21.44
C LYS B 35 4.17 24.65 -19.92
N PRO B 36 5.26 25.10 -19.24
CA PRO B 36 5.21 25.32 -17.78
C PRO B 36 4.07 26.26 -17.42
N PRO B 37 3.51 26.20 -16.20
CA PRO B 37 2.59 27.24 -15.75
C PRO B 37 3.38 28.55 -15.73
N PRO B 38 2.69 29.71 -15.65
CA PRO B 38 3.38 31.01 -15.52
C PRO B 38 4.41 31.01 -14.40
N ASN B 39 5.56 31.67 -14.65
CA ASN B 39 6.62 31.89 -13.66
C ASN B 39 7.47 30.64 -13.39
N LYS B 40 7.16 29.49 -14.01
CA LYS B 40 7.81 28.23 -13.65
C LYS B 40 8.68 27.73 -14.80
N TYR B 41 9.58 26.77 -14.52
CA TYR B 41 10.52 26.22 -15.48
C TYR B 41 10.35 24.71 -15.51
N PRO B 42 10.61 24.04 -16.67
CA PRO B 42 10.69 22.58 -16.67
C PRO B 42 12.00 22.12 -16.06
N ILE B 43 11.90 21.34 -14.95
CA ILE B 43 13.06 20.78 -14.25
C ILE B 43 13.22 19.30 -14.55
N PHE B 44 14.46 18.85 -14.73
CA PHE B 44 14.81 17.44 -14.84
C PHE B 44 15.68 17.12 -13.63
N PHE B 45 15.27 16.11 -12.85
CA PHE B 45 15.99 15.73 -11.64
C PHE B 45 16.92 14.58 -11.98
N PHE B 46 18.21 14.83 -11.75
CA PHE B 46 19.21 13.81 -12.02
C PHE B 46 18.99 12.60 -11.09
N GLY B 47 19.43 11.43 -11.58
CA GLY B 47 19.36 10.19 -10.78
C GLY B 47 18.00 9.50 -10.92
N THR B 48 16.92 10.18 -10.50
CA THR B 48 15.55 9.72 -10.61
C THR B 48 15.06 9.85 -12.05
N HIS B 49 15.61 10.85 -12.75
CA HIS B 49 15.16 11.25 -14.07
C HIS B 49 13.69 11.66 -14.07
N GLU B 50 13.16 12.12 -12.95
CA GLU B 50 11.82 12.69 -12.93
C GLU B 50 11.83 14.12 -13.46
N THR B 51 10.63 14.64 -13.71
CA THR B 51 10.40 15.98 -14.21
C THR B 51 9.28 16.64 -13.40
N ALA B 52 9.36 17.96 -13.25
CA ALA B 52 8.31 18.74 -12.63
C ALA B 52 8.49 20.19 -13.07
N PHE B 53 7.47 21.00 -12.78
CA PHE B 53 7.57 22.43 -12.98
C PHE B 53 7.78 23.12 -11.63
N LEU B 54 8.80 23.99 -11.57
CA LEU B 54 9.12 24.70 -10.34
C LEU B 54 9.39 26.18 -10.69
N GLY B 55 9.07 27.07 -9.73
CA GLY B 55 9.38 28.48 -9.79
C GLY B 55 10.73 28.79 -9.13
N PRO B 56 11.30 30.00 -9.37
CA PRO B 56 12.60 30.37 -8.82
C PRO B 56 12.84 30.23 -7.34
N LYS B 57 11.77 30.31 -6.52
CA LYS B 57 11.98 30.20 -5.08
C LYS B 57 12.55 28.84 -4.70
N ASP B 58 12.34 27.83 -5.59
CA ASP B 58 12.72 26.45 -5.32
C ASP B 58 13.94 26.03 -6.14
N LEU B 59 14.61 27.00 -6.78
CA LEU B 59 15.72 26.70 -7.68
C LEU B 59 16.98 27.43 -7.21
N PHE B 60 18.01 26.66 -6.89
CA PHE B 60 19.23 27.18 -6.30
C PHE B 60 20.37 26.93 -7.30
N PRO B 61 20.99 27.98 -7.89
CA PRO B 61 22.13 27.75 -8.80
C PRO B 61 23.18 26.79 -8.23
N TYR B 62 23.61 25.83 -9.10
CA TYR B 62 24.41 24.71 -8.63
C TYR B 62 25.76 25.15 -8.10
N ASP B 63 26.44 26.04 -8.85
CA ASP B 63 27.76 26.52 -8.44
C ASP B 63 27.74 27.13 -7.04
N LYS B 64 26.83 28.07 -6.83
CA LYS B 64 26.70 28.72 -5.54
C LYS B 64 26.41 27.72 -4.43
N SER B 65 25.62 26.67 -4.73
CA SER B 65 25.01 25.95 -3.61
C SER B 65 25.54 24.52 -3.39
N LYS B 66 26.51 24.07 -4.22
CA LYS B 66 26.91 22.66 -4.20
C LYS B 66 27.57 22.23 -2.89
N ASP B 67 28.32 23.11 -2.23
CA ASP B 67 28.99 22.65 -1.03
C ASP B 67 27.97 22.44 0.09
N LYS B 68 26.85 23.20 0.02
CA LYS B 68 25.80 23.09 1.02
C LYS B 68 24.90 21.89 0.73
N TYR B 69 24.45 21.73 -0.53
CA TYR B 69 23.39 20.77 -0.85
C TYR B 69 23.94 19.51 -1.51
N GLY B 70 25.22 19.51 -1.89
CA GLY B 70 25.72 18.47 -2.78
C GLY B 70 26.37 17.31 -2.04
N LYS B 71 25.85 16.96 -0.85
CA LYS B 71 26.41 15.86 -0.07
C LYS B 71 25.53 14.63 -0.26
N PRO B 72 26.14 13.42 -0.30
CA PRO B 72 25.36 12.19 -0.40
C PRO B 72 24.39 11.97 0.75
N ASN B 73 23.28 11.28 0.45
CA ASN B 73 22.29 10.89 1.45
C ASN B 73 21.71 9.53 1.08
N LYS B 74 20.68 9.10 1.82
CA LYS B 74 20.07 7.78 1.63
C LYS B 74 18.76 7.81 0.83
N ARG B 75 18.48 8.91 0.12
CA ARG B 75 17.31 8.94 -0.75
C ARG B 75 17.66 8.24 -2.08
N LYS B 76 16.77 7.33 -2.52
CA LYS B 76 16.93 6.65 -3.79
C LYS B 76 17.09 7.63 -4.97
N GLY B 77 18.22 7.47 -5.67
CA GLY B 77 18.52 8.19 -6.90
C GLY B 77 19.39 9.42 -6.60
N PHE B 78 19.50 9.79 -5.33
CA PHE B 78 20.30 10.99 -5.01
C PHE B 78 21.78 10.85 -5.40
N ASN B 79 22.48 9.82 -4.92
CA ASN B 79 23.90 9.74 -5.25
C ASN B 79 24.12 9.53 -6.76
N GLU B 80 23.21 8.84 -7.45
CA GLU B 80 23.30 8.71 -8.90
C GLU B 80 23.19 10.11 -9.52
N GLY B 81 22.26 10.91 -8.97
CA GLY B 81 21.99 12.29 -9.39
C GLY B 81 23.24 13.15 -9.21
N LEU B 82 24.00 12.96 -8.11
CA LEU B 82 25.21 13.73 -7.89
C LEU B 82 26.24 13.36 -8.96
N TRP B 83 26.26 12.08 -9.32
CA TRP B 83 27.17 11.57 -10.34
C TRP B 83 26.87 12.21 -11.69
N GLU B 84 25.58 12.33 -12.01
CA GLU B 84 25.11 12.83 -13.29
C GLU B 84 25.43 14.32 -13.41
N ILE B 85 25.16 15.09 -12.35
CA ILE B 85 25.27 16.54 -12.49
C ILE B 85 26.73 16.93 -12.66
N GLN B 86 27.62 16.13 -12.08
CA GLN B 86 29.06 16.32 -12.14
C GLN B 86 29.62 15.83 -13.48
N ASN B 87 29.18 14.64 -13.95
CA ASN B 87 29.95 14.00 -15.02
C ASN B 87 29.29 14.10 -16.38
N ASN B 88 27.96 14.25 -16.44
CA ASN B 88 27.33 14.35 -17.75
C ASN B 88 25.97 15.03 -17.63
N PRO B 89 25.98 16.31 -17.15
CA PRO B 89 24.73 17.04 -16.90
C PRO B 89 23.84 17.29 -18.11
N HIS B 90 24.42 17.26 -19.35
CA HIS B 90 23.69 17.69 -20.53
C HIS B 90 23.31 16.50 -21.41
N ALA B 91 23.45 15.30 -20.86
CA ALA B 91 23.12 14.08 -21.61
C ALA B 91 21.61 13.91 -21.79
N SER B 92 21.26 13.11 -22.80
CA SER B 92 19.94 12.53 -22.91
C SER B 92 19.84 11.33 -21.97
N TYR B 93 18.83 11.40 -21.07
CA TYR B 93 18.45 10.40 -20.09
C TYR B 93 17.09 9.82 -20.48
N SER B 94 16.65 10.14 -21.70
CA SER B 94 15.40 9.68 -22.28
C SER B 94 15.50 8.19 -22.68
N HIS C 4 -36.23 -14.42 -4.74
CA HIS C 4 -34.95 -15.11 -4.43
C HIS C 4 -35.19 -16.14 -3.33
N ALA C 5 -34.19 -16.99 -3.07
CA ALA C 5 -34.31 -18.02 -2.07
C ALA C 5 -33.06 -18.08 -1.22
N PHE C 6 -33.24 -18.49 0.04
CA PHE C 6 -32.13 -18.61 0.95
C PHE C 6 -32.36 -19.86 1.77
N LYS C 7 -31.90 -21.00 1.23
CA LYS C 7 -31.94 -22.25 1.97
C LYS C 7 -30.92 -22.11 3.09
N PRO C 8 -31.02 -22.91 4.19
CA PRO C 8 -29.97 -22.92 5.21
C PRO C 8 -28.61 -23.11 4.54
N GLY C 9 -27.57 -22.48 5.13
CA GLY C 9 -26.17 -22.71 4.77
C GLY C 9 -25.66 -21.67 3.77
N ASP C 10 -26.57 -21.06 3.03
CA ASP C 10 -26.32 -19.99 2.06
C ASP C 10 -25.55 -18.84 2.71
N LEU C 11 -24.59 -18.30 1.94
CA LEU C 11 -23.71 -17.24 2.43
C LEU C 11 -24.23 -15.92 1.91
N VAL C 12 -24.22 -14.88 2.79
CA VAL C 12 -24.86 -13.63 2.43
C VAL C 12 -24.08 -12.47 3.09
N PHE C 13 -24.42 -11.25 2.66
CA PHE C 13 -24.27 -10.04 3.46
C PHE C 13 -25.66 -9.68 3.98
N ALA C 14 -25.75 -9.40 5.29
CA ALA C 14 -27.00 -9.17 5.99
C ALA C 14 -26.96 -7.76 6.57
N LYS C 15 -28.02 -6.99 6.31
CA LYS C 15 -28.04 -5.58 6.70
C LYS C 15 -29.06 -5.39 7.82
N MET C 16 -28.57 -4.93 8.99
CA MET C 16 -29.40 -4.49 10.10
C MET C 16 -29.23 -2.99 10.27
N LYS C 17 -30.31 -2.30 10.70
CA LYS C 17 -30.17 -0.90 11.09
C LYS C 17 -29.08 -0.74 12.14
N GLY C 18 -28.18 0.22 11.87
CA GLY C 18 -27.13 0.61 12.80
C GLY C 18 -25.81 -0.11 12.50
N TYR C 19 -25.78 -0.92 11.43
CA TYR C 19 -24.58 -1.75 11.17
C TYR C 19 -24.35 -1.82 9.68
N PRO C 20 -23.08 -1.94 9.21
CA PRO C 20 -22.82 -2.09 7.78
C PRO C 20 -23.27 -3.47 7.30
N HIS C 21 -23.37 -3.62 5.98
CA HIS C 21 -23.70 -4.94 5.45
C HIS C 21 -22.67 -5.93 5.97
N TRP C 22 -23.17 -7.03 6.57
CA TRP C 22 -22.30 -7.85 7.41
C TRP C 22 -22.18 -9.26 6.84
N PRO C 23 -20.97 -9.89 6.84
CA PRO C 23 -20.86 -11.25 6.36
C PRO C 23 -21.61 -12.22 7.27
N ALA C 24 -22.42 -13.09 6.67
CA ALA C 24 -23.33 -13.94 7.45
C ALA C 24 -23.69 -15.20 6.66
N ARG C 25 -24.45 -16.09 7.32
CA ARG C 25 -25.12 -17.14 6.57
C ARG C 25 -26.54 -17.36 7.11
N ILE C 26 -27.35 -18.05 6.31
CA ILE C 26 -28.67 -18.53 6.68
C ILE C 26 -28.51 -19.76 7.54
N ASP C 27 -29.12 -19.74 8.72
CA ASP C 27 -29.19 -20.89 9.61
C ASP C 27 -30.40 -21.78 9.28
N LYS C 35 -40.13 -20.11 16.56
CA LYS C 35 -40.33 -19.90 15.10
C LYS C 35 -39.98 -18.45 14.75
N PRO C 36 -39.44 -18.18 13.55
CA PRO C 36 -39.11 -16.80 13.17
C PRO C 36 -40.40 -15.99 13.13
N PRO C 37 -40.33 -14.64 13.18
CA PRO C 37 -41.49 -13.85 12.79
C PRO C 37 -41.77 -14.24 11.34
N PRO C 38 -43.02 -14.00 10.88
CA PRO C 38 -43.38 -14.26 9.49
C PRO C 38 -42.41 -13.65 8.49
N ASN C 39 -41.98 -14.50 7.54
CA ASN C 39 -41.19 -14.11 6.39
C ASN C 39 -39.80 -13.65 6.83
N LYS C 40 -39.31 -14.17 7.96
CA LYS C 40 -37.95 -13.83 8.33
C LYS C 40 -37.06 -15.07 8.40
N TYR C 41 -35.79 -14.88 8.04
CA TYR C 41 -34.80 -15.95 8.09
C TYR C 41 -33.94 -15.83 9.34
N PRO C 42 -33.50 -16.98 9.90
CA PRO C 42 -32.51 -17.02 10.98
C PRO C 42 -31.14 -16.77 10.35
N ILE C 43 -30.49 -15.70 10.84
CA ILE C 43 -29.18 -15.31 10.33
C ILE C 43 -28.11 -15.57 11.38
N PHE C 44 -26.93 -16.05 10.92
CA PHE C 44 -25.78 -16.10 11.81
C PHE C 44 -24.69 -15.18 11.24
N PHE C 45 -24.18 -14.30 12.11
CA PHE C 45 -23.25 -13.27 11.68
C PHE C 45 -21.83 -13.77 11.92
N PHE C 46 -21.02 -13.81 10.84
CA PHE C 46 -19.62 -14.15 11.07
C PHE C 46 -18.90 -13.09 11.90
N GLY C 47 -17.84 -13.53 12.59
CA GLY C 47 -17.03 -12.59 13.36
C GLY C 47 -17.60 -12.36 14.75
N THR C 48 -18.80 -11.75 14.83
CA THR C 48 -19.44 -11.61 16.13
C THR C 48 -20.05 -12.94 16.58
N HIS C 49 -20.37 -13.85 15.65
CA HIS C 49 -21.11 -15.08 15.91
C HIS C 49 -22.44 -14.83 16.63
N GLU C 50 -23.09 -13.69 16.34
CA GLU C 50 -24.42 -13.44 16.89
C GLU C 50 -25.50 -13.86 15.90
N THR C 51 -26.75 -13.86 16.39
CA THR C 51 -27.90 -14.27 15.59
C THR C 51 -29.00 -13.19 15.63
N ALA C 52 -29.77 -13.16 14.55
CA ALA C 52 -30.95 -12.31 14.46
C ALA C 52 -31.88 -12.90 13.40
N PHE C 53 -33.10 -12.34 13.29
CA PHE C 53 -34.04 -12.71 12.25
C PHE C 53 -34.11 -11.54 11.28
N LEU C 54 -34.01 -11.81 9.97
CA LEU C 54 -34.07 -10.74 8.99
C LEU C 54 -34.90 -11.17 7.79
N GLY C 55 -35.51 -10.18 7.14
CA GLY C 55 -36.30 -10.42 5.93
C GLY C 55 -35.42 -10.42 4.68
N PRO C 56 -35.95 -10.93 3.54
CA PRO C 56 -35.14 -11.14 2.35
C PRO C 56 -34.54 -9.87 1.74
N LYS C 57 -35.20 -8.74 1.95
CA LYS C 57 -34.75 -7.47 1.40
C LYS C 57 -33.45 -7.04 2.08
N ASP C 58 -33.17 -7.66 3.23
CA ASP C 58 -32.01 -7.29 4.04
C ASP C 58 -30.81 -8.18 3.73
N LEU C 59 -30.95 -9.07 2.74
CA LEU C 59 -29.97 -10.13 2.55
C LEU C 59 -29.49 -10.11 1.11
N PHE C 60 -28.18 -10.33 0.92
CA PHE C 60 -27.51 -10.22 -0.39
C PHE C 60 -26.62 -11.44 -0.60
N PRO C 61 -26.80 -12.25 -1.69
CA PRO C 61 -25.95 -13.44 -1.84
C PRO C 61 -24.48 -13.05 -1.89
N TYR C 62 -23.66 -13.84 -1.19
CA TYR C 62 -22.26 -13.57 -0.90
C TYR C 62 -21.47 -13.41 -2.20
N ASP C 63 -21.68 -14.33 -3.15
CA ASP C 63 -20.88 -14.29 -4.37
C ASP C 63 -21.22 -13.08 -5.22
N LYS C 64 -22.51 -12.77 -5.31
CA LYS C 64 -23.00 -11.70 -6.16
C LYS C 64 -22.56 -10.34 -5.61
N SER C 65 -22.38 -10.21 -4.27
CA SER C 65 -22.27 -8.87 -3.73
C SER C 65 -20.94 -8.60 -3.03
N LYS C 66 -20.07 -9.62 -2.94
CA LYS C 66 -18.83 -9.43 -2.20
C LYS C 66 -17.97 -8.31 -2.80
N ASP C 67 -18.01 -8.12 -4.12
CA ASP C 67 -17.23 -7.02 -4.71
C ASP C 67 -17.59 -5.68 -4.06
N LYS C 68 -18.87 -5.50 -3.69
CA LYS C 68 -19.37 -4.27 -3.09
C LYS C 68 -19.23 -4.27 -1.54
N TYR C 69 -19.63 -5.36 -0.86
CA TYR C 69 -19.65 -5.27 0.60
C TYR C 69 -18.47 -5.98 1.26
N GLY C 70 -17.71 -6.79 0.50
CA GLY C 70 -16.64 -7.58 1.10
C GLY C 70 -15.35 -6.77 1.13
N LYS C 71 -15.34 -5.78 2.02
CA LYS C 71 -14.21 -4.85 2.15
C LYS C 71 -14.10 -4.55 3.63
N PRO C 72 -12.88 -4.32 4.16
CA PRO C 72 -12.74 -4.17 5.60
C PRO C 72 -13.48 -2.98 6.17
N ASN C 73 -13.82 -3.12 7.45
CA ASN C 73 -14.11 -1.92 8.21
C ASN C 73 -13.82 -2.20 9.68
N LYS C 74 -13.88 -1.11 10.45
CA LYS C 74 -13.32 -1.14 11.79
C LYS C 74 -14.34 -1.60 12.82
N ARG C 75 -15.59 -1.87 12.39
CA ARG C 75 -16.57 -2.32 13.37
C ARG C 75 -16.17 -3.65 14.01
N LYS C 76 -16.50 -3.76 15.30
CA LYS C 76 -16.08 -4.88 16.12
C LYS C 76 -16.47 -6.22 15.48
N GLY C 77 -15.46 -7.07 15.24
CA GLY C 77 -15.71 -8.42 14.77
C GLY C 77 -15.81 -8.53 13.24
N PHE C 78 -15.81 -7.39 12.54
CA PHE C 78 -16.13 -7.38 11.12
C PHE C 78 -15.06 -8.16 10.32
N ASN C 79 -13.81 -7.79 10.56
CA ASN C 79 -12.77 -8.28 9.67
C ASN C 79 -12.51 -9.76 9.93
N GLU C 80 -12.67 -10.14 11.18
CA GLU C 80 -12.60 -11.56 11.44
C GLU C 80 -13.78 -12.25 10.75
N GLY C 81 -14.96 -11.59 10.73
CA GLY C 81 -16.06 -12.15 9.94
C GLY C 81 -15.72 -12.35 8.46
N LEU C 82 -15.06 -11.37 7.83
CA LEU C 82 -14.66 -11.48 6.43
C LEU C 82 -13.74 -12.68 6.24
N TRP C 83 -12.89 -12.93 7.25
CA TRP C 83 -11.99 -14.07 7.15
C TRP C 83 -12.82 -15.37 7.16
N GLU C 84 -13.81 -15.42 8.05
CA GLU C 84 -14.63 -16.63 8.18
C GLU C 84 -15.45 -16.93 6.92
N ILE C 85 -16.06 -15.90 6.31
CA ILE C 85 -16.94 -16.12 5.18
C ILE C 85 -16.19 -16.63 3.94
N GLN C 86 -14.93 -16.20 3.78
CA GLN C 86 -14.12 -16.64 2.65
C GLN C 86 -13.38 -17.96 2.88
N ASN C 87 -13.02 -18.26 4.13
CA ASN C 87 -12.04 -19.28 4.45
C ASN C 87 -12.58 -20.39 5.35
N ASN C 88 -13.73 -20.23 6.00
CA ASN C 88 -14.20 -21.27 6.92
C ASN C 88 -15.70 -21.11 7.16
N PRO C 89 -16.50 -21.01 6.07
CA PRO C 89 -17.87 -20.50 6.16
C PRO C 89 -18.89 -21.43 6.82
N HIS C 90 -18.51 -22.70 6.94
CA HIS C 90 -19.41 -23.72 7.48
C HIS C 90 -18.82 -24.39 8.72
N ALA C 91 -17.86 -23.74 9.37
CA ALA C 91 -17.45 -24.19 10.70
C ALA C 91 -18.52 -23.84 11.73
N SER C 92 -18.37 -24.39 12.94
CA SER C 92 -19.36 -24.36 14.01
C SER C 92 -19.47 -22.97 14.65
N TYR C 93 -18.36 -22.49 15.22
CA TYR C 93 -18.31 -21.25 15.98
C TYR C 93 -19.24 -21.37 17.21
S SO4 D . -3.02 -4.51 20.44
O1 SO4 D . -2.73 -3.10 20.36
O2 SO4 D . -2.46 -5.20 19.31
O3 SO4 D . -2.47 -5.06 21.65
O4 SO4 D . -4.46 -4.70 20.43
S SO4 E . 7.82 -13.58 20.11
O1 SO4 E . 8.95 -12.72 19.89
O2 SO4 E . 7.99 -14.80 19.36
O3 SO4 E . 7.70 -13.86 21.52
O4 SO4 E . 6.61 -12.92 19.66
C1 EDO F . 1.36 1.18 0.48
O1 EDO F . 0.76 1.33 -0.80
C2 EDO F . 2.85 1.42 0.54
O2 EDO F . 3.56 0.41 -0.11
S SO4 G . -8.46 -6.02 12.51
O1 SO4 G . -8.15 -5.30 11.34
O2 SO4 G . -8.14 -5.19 13.67
O3 SO4 G . -9.88 -6.36 12.50
O4 SO4 G . -7.67 -7.21 12.56
S SO4 H . 21.39 5.80 -5.70
O1 SO4 H . 21.34 6.98 -6.56
O2 SO4 H . 22.34 6.02 -4.64
O3 SO4 H . 20.10 5.48 -5.08
O4 SO4 H . 21.81 4.72 -6.56
S SO4 I . 10.36 19.41 3.71
O1 SO4 I . 9.57 19.50 2.52
O2 SO4 I . 10.13 20.60 4.49
O3 SO4 I . 9.97 18.26 4.46
O4 SO4 I . 11.76 19.30 3.37
N1 W1A J . 6.95 10.92 -7.55
C4 W1A J . 8.33 10.46 -7.25
C5 W1A J . 6.87 12.36 -7.90
C6 W1A J . 7.59 13.22 -6.89
O1 W1A J . 13.19 13.37 -8.20
S W1A J . 12.56 13.33 -6.91
O W1A J . 12.58 12.10 -6.20
C W1A J . 13.26 14.59 -5.91
N W1A J . 11.03 13.73 -7.15
C1 W1A J . 9.99 13.64 -6.12
C2 W1A J . 9.01 12.68 -6.78
C3 W1A J . 8.99 11.29 -6.17
C1 EDO K . -23.12 -6.96 14.11
O1 EDO K . -22.30 -6.60 15.23
C2 EDO K . -23.17 -8.42 13.81
O2 EDO K . -23.46 -9.29 14.85
S SO4 L . -29.27 2.95 7.55
O1 SO4 L . -29.36 3.50 6.22
O2 SO4 L . -27.94 2.44 7.77
O3 SO4 L . -29.54 3.98 8.52
O4 SO4 L . -30.23 1.89 7.71
#